data_9LUY
#
_entry.id   9LUY
#
_cell.length_a   76.054
_cell.length_b   71.390
_cell.length_c   43.352
_cell.angle_alpha   90.000
_cell.angle_beta   100.908
_cell.angle_gamma   90.000
#
_symmetry.space_group_name_H-M   'C 1 2 1'
#
loop_
_entity.id
_entity.type
_entity.pdbx_description
1 polymer 'Single-chain Fv antibody of G2 fused with antigen peptide from chicken chromosome 6 C10orf76 homolog'
2 non-polymer GLYCEROL
3 water water
#
_entity_poly.entity_id   1
_entity_poly.type   'polypeptide(L)'
_entity_poly.pdbx_seq_one_letter_code
;MGKIESYAAVNHISQLSEDQVLLEVLFQGPDIVLTQSPASLAVSLGQRATISCKASQTLDYDGGTYMNWYQQKPGQPPKL
LIFAASNLESGIPARFSGSGSGTDFTLNIHPVEEEDAATYYCQQSREDLTFGAGTKLDLKGGGGSGGGGSGGGGSEVMLV
ESGGVLVKPGGSLKLSCSASGFTFSRYAMSWVRQTPEKRLEWVASISSGGSYTFYPDSVKGRFTISRNNAKNFLYLKMSS
LRSEDTAMYYCARSGNDYAVDYWGQGTSVTVSS
;
_entity_poly.pdbx_strand_id   A
#
# COMPACT_ATOMS: atom_id res chain seq x y z
N GLY A 2 -16.05 -18.61 -12.08
CA GLY A 2 -17.27 -19.10 -11.44
C GLY A 2 -17.58 -18.36 -10.15
N LYS A 3 -17.31 -19.00 -9.01
CA LYS A 3 -17.63 -18.45 -7.70
C LYS A 3 -17.06 -17.04 -7.53
N ILE A 4 -17.70 -16.27 -6.65
CA ILE A 4 -17.29 -14.88 -6.43
C ILE A 4 -15.89 -14.88 -5.86
N GLU A 5 -15.05 -14.01 -6.39
CA GLU A 5 -13.68 -13.84 -5.92
C GLU A 5 -13.56 -12.58 -5.07
N SER A 6 -12.44 -12.46 -4.39
CA SER A 6 -12.13 -11.30 -3.58
C SER A 6 -11.21 -10.36 -4.37
N TYR A 7 -11.40 -9.06 -4.17
CA TYR A 7 -10.73 -8.03 -4.98
C TYR A 7 -9.92 -7.11 -4.08
N ALA A 8 -9.03 -6.32 -4.69
CA ALA A 8 -8.19 -5.41 -3.91
C ALA A 8 -8.75 -4.01 -3.78
N ALA A 9 -9.78 -3.66 -4.53
CA ALA A 9 -10.38 -2.35 -4.49
C ALA A 9 -11.85 -2.49 -4.84
N VAL A 10 -12.67 -1.55 -4.35
CA VAL A 10 -14.12 -1.61 -4.57
C VAL A 10 -14.42 -1.64 -6.07
N ASN A 11 -13.80 -0.74 -6.83
CA ASN A 11 -14.11 -0.67 -8.25
C ASN A 11 -13.61 -1.86 -9.03
N HIS A 12 -12.79 -2.73 -8.44
CA HIS A 12 -12.32 -3.90 -9.16
C HIS A 12 -13.34 -5.00 -9.25
N ILE A 13 -14.40 -4.94 -8.42
CA ILE A 13 -15.36 -6.04 -8.39
C ILE A 13 -15.92 -6.27 -9.78
N SER A 14 -15.79 -7.51 -10.27
CA SER A 14 -16.08 -7.85 -11.67
C SER A 14 -17.13 -8.95 -11.78
N GLN A 15 -17.85 -9.19 -10.70
CA GLN A 15 -18.91 -10.19 -10.65
C GLN A 15 -20.08 -9.62 -9.87
N LEU A 16 -21.30 -9.96 -10.28
CA LEU A 16 -22.51 -9.54 -9.60
C LEU A 16 -22.81 -10.46 -8.42
N SER A 17 -23.24 -9.86 -7.31
CA SER A 17 -23.61 -10.65 -6.14
C SER A 17 -24.91 -10.14 -5.56
N ASP A 31 -10.87 8.94 -10.76
CA ASP A 31 -9.50 9.00 -10.21
C ASP A 31 -9.42 9.82 -8.91
N ILE A 32 -8.82 9.25 -7.87
CA ILE A 32 -8.85 9.83 -6.52
C ILE A 32 -7.44 10.19 -6.07
N VAL A 33 -7.25 11.47 -5.75
CA VAL A 33 -5.99 12.00 -5.24
C VAL A 33 -6.14 12.19 -3.74
N LEU A 34 -5.14 11.76 -2.98
CA LEU A 34 -5.09 11.98 -1.54
C LEU A 34 -4.05 13.03 -1.24
N THR A 35 -4.45 14.09 -0.54
CA THR A 35 -3.53 15.16 -0.20
C THR A 35 -3.26 15.08 1.30
N GLN A 36 -2.03 14.71 1.64
CA GLN A 36 -1.64 14.38 2.99
C GLN A 36 -0.81 15.52 3.57
N SER A 37 -1.18 15.98 4.75
CA SER A 37 -0.48 17.12 5.38
C SER A 37 -0.31 16.87 6.88
N PRO A 38 0.81 17.29 7.54
CA PRO A 38 1.96 17.96 6.93
C PRO A 38 2.92 16.97 6.27
N ALA A 39 3.88 17.47 5.47
CA ALA A 39 4.90 16.58 4.92
C ALA A 39 5.79 16.00 6.03
N SER A 40 6.03 16.77 7.09
CA SER A 40 6.83 16.25 8.18
C SER A 40 6.31 16.86 9.47
N LEU A 41 6.59 16.17 10.55
CA LEU A 41 6.06 16.51 11.86
C LEU A 41 7.12 16.22 12.91
N ALA A 42 7.48 17.20 13.71
CA ALA A 42 8.43 17.00 14.79
C ALA A 42 7.68 17.10 16.11
N VAL A 43 7.66 16.01 16.87
CA VAL A 43 6.91 15.97 18.12
C VAL A 43 7.83 15.51 19.24
N SER A 44 7.40 15.78 20.47
CA SER A 44 8.09 15.35 21.67
C SER A 44 7.43 14.10 22.22
N LEU A 45 8.24 13.27 22.89
CA LEU A 45 7.74 12.08 23.54
C LEU A 45 6.52 12.41 24.39
N GLY A 46 5.43 11.67 24.15
CA GLY A 46 4.20 11.81 24.90
C GLY A 46 3.21 12.83 24.40
N GLN A 47 3.55 13.62 23.36
CA GLN A 47 2.59 14.56 22.81
C GLN A 47 1.60 13.84 21.88
N ARG A 48 0.70 14.62 21.29
CA ARG A 48 -0.23 14.13 20.27
CA ARG A 48 -0.23 14.14 20.27
C ARG A 48 0.30 14.52 18.90
N ALA A 49 0.33 13.57 17.97
CA ALA A 49 0.62 13.80 16.58
C ALA A 49 -0.69 13.67 15.81
N THR A 50 -0.95 14.60 14.90
CA THR A 50 -2.18 14.61 14.13
C THR A 50 -1.82 14.76 12.65
N ILE A 51 -2.26 13.81 11.84
CA ILE A 51 -1.90 13.77 10.43
C ILE A 51 -3.19 13.77 9.62
N SER A 52 -3.25 14.61 8.58
CA SER A 52 -4.48 14.84 7.85
C SER A 52 -4.38 14.32 6.42
N CYS A 53 -5.52 13.89 5.88
CA CYS A 53 -5.59 13.38 4.52
CA CYS A 53 -5.58 13.44 4.51
C CYS A 53 -6.92 13.83 3.92
N LYS A 54 -6.87 14.56 2.82
CA LYS A 54 -8.06 15.03 2.12
C LYS A 54 -8.13 14.31 0.78
N ALA A 55 -9.27 13.70 0.50
CA ALA A 55 -9.49 12.97 -0.75
C ALA A 55 -10.22 13.86 -1.75
N SER A 56 -9.86 13.73 -3.03
CA SER A 56 -10.46 14.51 -4.11
C SER A 56 -11.87 14.06 -4.44
N GLN A 57 -12.29 12.90 -3.95
CA GLN A 57 -13.63 12.39 -4.13
C GLN A 57 -13.99 11.66 -2.84
N THR A 58 -15.28 11.53 -2.57
CA THR A 58 -15.67 10.86 -1.35
C THR A 58 -15.25 9.39 -1.40
N LEU A 59 -14.91 8.87 -0.23
CA LEU A 59 -14.50 7.47 -0.08
C LEU A 59 -15.59 6.63 0.53
N ASP A 60 -16.75 7.23 0.78
CA ASP A 60 -17.92 6.53 1.29
C ASP A 60 -18.51 5.66 0.20
N TYR A 61 -18.80 4.40 0.54
CA TYR A 61 -19.43 3.49 -0.41
C TYR A 61 -20.17 2.43 0.37
N ASP A 62 -21.50 2.32 0.14
CA ASP A 62 -22.28 1.21 0.68
C ASP A 62 -22.12 1.10 2.20
N GLY A 63 -22.17 2.24 2.87
CA GLY A 63 -22.10 2.23 4.31
C GLY A 63 -20.73 2.04 4.90
N GLY A 64 -19.69 1.95 4.08
CA GLY A 64 -18.31 1.92 4.55
C GLY A 64 -17.52 3.07 3.96
N THR A 65 -16.34 3.31 4.52
CA THR A 65 -15.44 4.36 4.06
C THR A 65 -14.04 3.78 3.95
N TYR A 66 -13.47 3.84 2.74
CA TYR A 66 -12.33 2.99 2.41
C TYR A 66 -11.01 3.76 2.46
N MET A 67 -10.72 4.27 3.67
CA MET A 67 -9.48 4.96 4.01
CA MET A 67 -9.46 4.93 3.97
C MET A 67 -8.65 4.07 4.93
N ASN A 68 -7.37 3.85 4.59
CA ASN A 68 -6.46 3.06 5.40
C ASN A 68 -5.23 3.89 5.73
N TRP A 69 -4.59 3.57 6.86
CA TRP A 69 -3.38 4.26 7.30
C TRP A 69 -2.28 3.25 7.58
N TYR A 70 -1.04 3.58 7.18
CA TYR A 70 0.11 2.69 7.30
C TYR A 70 1.24 3.41 7.99
N GLN A 71 2.07 2.63 8.66
CA GLN A 71 3.32 3.09 9.25
C GLN A 71 4.48 2.45 8.50
N GLN A 72 5.52 3.22 8.21
CA GLN A 72 6.66 2.60 7.55
C GLN A 72 7.97 3.13 8.13
N LYS A 73 8.82 2.22 8.55
CA LYS A 73 10.16 2.56 9.01
C LYS A 73 11.21 2.27 7.94
N PRO A 74 12.39 2.93 8.01
CA PRO A 74 13.40 2.75 6.96
C PRO A 74 13.80 1.28 6.79
N GLY A 75 13.87 0.84 5.54
CA GLY A 75 14.23 -0.53 5.24
C GLY A 75 13.16 -1.56 5.52
N GLN A 76 11.96 -1.14 5.91
CA GLN A 76 10.87 -2.07 6.23
C GLN A 76 9.68 -1.82 5.33
N PRO A 77 8.84 -2.83 5.12
CA PRO A 77 7.59 -2.61 4.41
C PRO A 77 6.62 -1.81 5.24
N PRO A 78 5.67 -1.10 4.62
CA PRO A 78 4.56 -0.49 5.39
C PRO A 78 3.81 -1.54 6.22
N LYS A 79 3.23 -1.05 7.31
CA LYS A 79 2.46 -1.85 8.25
C LYS A 79 1.10 -1.20 8.46
N LEU A 80 0.03 -2.00 8.31
CA LEU A 80 -1.33 -1.50 8.46
C LEU A 80 -1.60 -1.07 9.90
N LEU A 81 -2.10 0.14 10.07
CA LEU A 81 -2.50 0.66 11.38
C LEU A 81 -4.01 0.70 11.54
N ILE A 82 -4.70 1.31 10.56
CA ILE A 82 -6.12 1.64 10.62
C ILE A 82 -6.74 1.23 9.29
N PHE A 83 -7.87 0.53 9.33
CA PHE A 83 -8.58 0.23 8.10
C PHE A 83 -10.00 0.76 8.18
N ALA A 84 -10.59 1.08 7.03
CA ALA A 84 -11.97 1.54 6.96
C ALA A 84 -12.18 2.76 7.88
N ALA A 85 -11.22 3.68 7.77
CA ALA A 85 -11.21 5.01 8.38
C ALA A 85 -10.92 5.00 9.88
N SER A 86 -11.53 4.10 10.65
CA SER A 86 -11.45 4.19 12.10
C SER A 86 -11.21 2.87 12.80
N ASN A 87 -11.00 1.78 12.08
CA ASN A 87 -10.86 0.49 12.71
C ASN A 87 -9.39 0.19 12.99
N LEU A 88 -9.08 -0.11 14.25
CA LEU A 88 -7.70 -0.35 14.65
C LEU A 88 -7.29 -1.78 14.30
N GLU A 89 -6.20 -1.93 13.54
CA GLU A 89 -5.75 -3.27 13.17
C GLU A 89 -5.28 -4.03 14.40
N SER A 90 -5.59 -5.34 14.43
CA SER A 90 -5.20 -6.17 15.55
CA SER A 90 -5.21 -6.17 15.54
C SER A 90 -3.70 -6.10 15.77
N GLY A 91 -3.31 -5.97 17.04
CA GLY A 91 -1.90 -5.88 17.40
C GLY A 91 -1.34 -4.47 17.44
N ILE A 92 -2.09 -3.47 16.97
CA ILE A 92 -1.62 -2.09 16.99
C ILE A 92 -2.10 -1.45 18.28
N PRO A 93 -1.24 -0.76 19.04
CA PRO A 93 -1.69 -0.17 20.31
C PRO A 93 -2.71 0.94 20.12
N ALA A 94 -3.54 1.13 21.15
CA ALA A 94 -4.68 2.03 21.02
C ALA A 94 -4.32 3.51 21.12
N ARG A 95 -3.01 3.85 21.25
CA ARG A 95 -2.64 5.25 21.07
C ARG A 95 -2.80 5.71 19.63
N PHE A 96 -2.99 4.78 18.70
CA PHE A 96 -3.27 5.07 17.30
C PHE A 96 -4.78 5.06 17.08
N SER A 97 -5.30 6.11 16.44
CA SER A 97 -6.72 6.12 16.11
C SER A 97 -6.91 6.86 14.79
N GLY A 98 -7.99 6.53 14.09
CA GLY A 98 -8.35 7.23 12.87
C GLY A 98 -9.78 7.72 12.95
N SER A 99 -10.03 8.83 12.26
CA SER A 99 -11.37 9.39 12.21
C SER A 99 -11.58 10.04 10.83
N GLY A 100 -12.83 10.40 10.58
CA GLY A 100 -13.20 11.08 9.35
C GLY A 100 -14.18 10.26 8.55
N SER A 101 -14.74 10.93 7.55
CA SER A 101 -15.65 10.26 6.61
C SER A 101 -15.68 11.13 5.36
N GLY A 102 -16.25 10.59 4.30
CA GLY A 102 -16.35 11.34 3.06
C GLY A 102 -14.99 11.66 2.47
N THR A 103 -14.54 12.93 2.60
CA THR A 103 -13.26 13.34 2.02
C THR A 103 -12.20 13.79 3.02
N ASP A 104 -12.53 13.89 4.32
CA ASP A 104 -11.61 14.44 5.30
C ASP A 104 -11.29 13.39 6.34
N PHE A 105 -10.00 13.08 6.51
CA PHE A 105 -9.55 11.98 7.36
C PHE A 105 -8.39 12.42 8.21
N THR A 106 -8.28 11.80 9.40
CA THR A 106 -7.23 12.14 10.35
C THR A 106 -6.68 10.90 11.02
N LEU A 107 -5.36 10.84 11.15
CA LEU A 107 -4.69 9.85 11.98
C LEU A 107 -4.18 10.57 13.22
N ASN A 108 -4.50 10.05 14.39
CA ASN A 108 -4.01 10.62 15.63
C ASN A 108 -3.16 9.60 16.36
N ILE A 109 -2.06 10.07 16.95
CA ILE A 109 -1.18 9.22 17.75
C ILE A 109 -0.97 9.92 19.09
N HIS A 110 -1.43 9.31 20.16
CA HIS A 110 -1.22 9.95 21.45
C HIS A 110 -1.40 8.96 22.57
N PRO A 111 -0.49 8.89 23.55
CA PRO A 111 0.82 9.61 23.62
C PRO A 111 1.85 8.98 22.68
N VAL A 112 2.51 9.82 21.85
CA VAL A 112 3.55 9.35 20.95
C VAL A 112 4.69 8.72 21.75
N GLU A 113 5.15 7.58 21.27
CA GLU A 113 6.29 6.87 21.84
C GLU A 113 7.46 6.95 20.88
N GLU A 114 8.64 6.62 21.41
CA GLU A 114 9.87 6.65 20.63
C GLU A 114 9.78 5.73 19.41
N GLU A 115 9.15 4.57 19.57
CA GLU A 115 9.06 3.63 18.46
C GLU A 115 8.07 4.08 17.38
N ASP A 116 7.38 5.20 17.58
CA ASP A 116 6.45 5.70 16.59
C ASP A 116 7.13 6.64 15.60
N ALA A 117 8.41 6.91 15.74
CA ALA A 117 9.11 7.63 14.68
C ALA A 117 9.08 6.78 13.41
N ALA A 118 8.54 7.34 12.35
CA ALA A 118 8.28 6.59 11.13
C ALA A 118 7.69 7.53 10.12
N THR A 119 7.45 7.03 8.90
CA THR A 119 6.70 7.76 7.91
C THR A 119 5.31 7.13 7.81
N TYR A 120 4.27 7.96 7.84
CA TYR A 120 2.89 7.50 7.84
C TYR A 120 2.25 7.86 6.50
N TYR A 121 1.43 6.95 5.97
CA TYR A 121 0.75 7.17 4.69
C TYR A 121 -0.73 6.87 4.83
N CYS A 122 -1.57 7.73 4.27
CA CYS A 122 -2.96 7.35 4.02
C CYS A 122 -3.09 6.70 2.65
N GLN A 123 -4.19 5.99 2.45
CA GLN A 123 -4.36 5.21 1.24
C GLN A 123 -5.83 4.87 1.11
N GLN A 124 -6.36 4.98 -0.09
CA GLN A 124 -7.77 4.70 -0.33
C GLN A 124 -7.92 3.52 -1.29
N SER A 125 -8.90 2.67 -1.02
CA SER A 125 -9.20 1.49 -1.83
C SER A 125 -10.58 1.58 -2.49
N ARG A 126 -11.14 2.78 -2.62
CA ARG A 126 -12.43 2.96 -3.28
C ARG A 126 -12.28 2.93 -4.80
N GLU A 127 -11.20 3.49 -5.33
CA GLU A 127 -10.97 3.53 -6.77
C GLU A 127 -9.51 3.19 -6.97
N ASP A 128 -9.23 1.94 -7.33
CA ASP A 128 -7.89 1.36 -7.33
C ASP A 128 -7.28 1.58 -5.96
N LEU A 129 -5.96 1.74 -5.91
CA LEU A 129 -5.25 2.00 -4.66
C LEU A 129 -4.36 3.22 -4.91
N THR A 130 -4.65 4.32 -4.23
CA THR A 130 -3.76 5.48 -4.30
C THR A 130 -3.39 5.90 -2.89
N PHE A 131 -2.24 6.58 -2.79
CA PHE A 131 -1.59 6.90 -1.53
C PHE A 131 -1.37 8.40 -1.39
N GLY A 132 -1.46 8.89 -0.15
CA GLY A 132 -0.94 10.19 0.17
C GLY A 132 0.57 10.20 0.09
N ALA A 133 1.13 11.40 0.00
CA ALA A 133 2.57 11.52 -0.20
C ALA A 133 3.37 11.18 1.05
N GLY A 134 2.73 11.09 2.21
CA GLY A 134 3.41 10.64 3.40
C GLY A 134 3.71 11.78 4.37
N THR A 135 3.88 11.39 5.64
CA THR A 135 4.27 12.34 6.68
C THR A 135 5.40 11.71 7.48
N LYS A 136 6.56 12.34 7.49
CA LYS A 136 7.67 11.84 8.29
C LYS A 136 7.53 12.39 9.71
N LEU A 137 7.35 11.51 10.67
CA LEU A 137 7.18 11.85 12.09
C LEU A 137 8.52 11.62 12.76
N ASP A 138 9.17 12.69 13.23
CA ASP A 138 10.42 12.58 13.96
C ASP A 138 10.23 13.01 15.40
N LEU A 139 10.99 12.38 16.30
CA LEU A 139 10.92 12.65 17.73
C LEU A 139 11.97 13.70 18.13
N LYS A 140 11.75 14.27 19.32
CA LYS A 140 12.46 15.45 19.83
C LYS A 140 12.23 16.64 18.91
N MET A 158 25.36 7.02 8.87
CA MET A 158 26.04 6.16 7.91
C MET A 158 25.07 5.10 7.43
N LEU A 159 24.94 4.97 6.11
CA LEU A 159 23.87 4.18 5.54
C LEU A 159 24.34 3.50 4.26
N VAL A 160 24.00 2.23 4.14
CA VAL A 160 24.15 1.48 2.91
C VAL A 160 22.73 1.21 2.39
N GLU A 161 22.47 1.60 1.14
CA GLU A 161 21.14 1.56 0.56
C GLU A 161 21.13 0.57 -0.60
N SER A 162 20.21 -0.39 -0.57
CA SER A 162 20.11 -1.43 -1.59
C SER A 162 19.52 -0.89 -2.88
N GLY A 163 20.18 -1.18 -4.01
CA GLY A 163 19.68 -0.88 -5.33
C GLY A 163 19.02 -2.09 -5.96
N GLY A 164 19.20 -3.25 -5.34
CA GLY A 164 18.63 -4.48 -5.84
C GLY A 164 19.21 -4.82 -7.20
N VAL A 165 18.35 -5.28 -8.09
CA VAL A 165 18.78 -5.81 -9.37
C VAL A 165 18.91 -4.65 -10.35
N LEU A 166 20.02 -4.60 -11.07
CA LEU A 166 20.30 -3.58 -12.08
C LEU A 166 19.81 -4.05 -13.43
N VAL A 167 18.94 -3.26 -14.07
CA VAL A 167 18.39 -3.63 -15.37
C VAL A 167 18.59 -2.47 -16.34
N LYS A 168 18.90 -2.82 -17.59
CA LYS A 168 19.00 -1.74 -18.56
C LYS A 168 17.61 -1.35 -19.06
N PRO A 169 17.41 -0.09 -19.44
CA PRO A 169 16.12 0.30 -20.03
C PRO A 169 15.78 -0.60 -21.22
N GLY A 170 14.50 -0.95 -21.32
CA GLY A 170 14.05 -1.89 -22.31
C GLY A 170 14.13 -3.33 -21.88
N GLY A 171 14.74 -3.61 -20.72
CA GLY A 171 14.92 -4.98 -20.26
C GLY A 171 13.68 -5.51 -19.56
N SER A 172 13.78 -6.75 -19.10
CA SER A 172 12.65 -7.41 -18.45
C SER A 172 13.14 -8.16 -17.22
N LEU A 173 12.20 -8.41 -16.30
CA LEU A 173 12.50 -9.01 -15.01
C LEU A 173 11.25 -9.71 -14.52
N LYS A 174 11.41 -10.73 -13.69
CA LYS A 174 10.27 -11.35 -13.04
C LYS A 174 10.52 -11.44 -11.53
N LEU A 175 9.54 -10.99 -10.74
CA LEU A 175 9.62 -11.03 -9.29
C LEU A 175 8.63 -12.05 -8.76
N SER A 176 8.92 -12.64 -7.60
CA SER A 176 7.90 -13.52 -7.01
C SER A 176 7.86 -13.34 -5.51
N CYS A 177 6.75 -13.81 -4.94
CA CYS A 177 6.56 -13.95 -3.51
C CYS A 177 5.84 -15.25 -3.25
N SER A 178 6.12 -15.85 -2.10
CA SER A 178 5.38 -17.01 -1.65
C SER A 178 4.52 -16.61 -0.46
N ALA A 179 3.54 -17.45 -0.17
CA ALA A 179 2.62 -17.20 0.93
C ALA A 179 2.46 -18.47 1.75
N SER A 180 2.31 -18.30 3.05
CA SER A 180 2.02 -19.44 3.91
C SER A 180 1.32 -18.95 5.17
N GLY A 181 0.72 -19.89 5.89
CA GLY A 181 0.03 -19.54 7.12
C GLY A 181 -1.35 -18.98 6.93
N PHE A 182 -1.88 -19.02 5.71
CA PHE A 182 -3.26 -18.65 5.46
C PHE A 182 -3.65 -19.26 4.13
N THR A 183 -4.95 -19.30 3.87
CA THR A 183 -5.46 -19.83 2.60
C THR A 183 -5.26 -18.79 1.50
N PHE A 184 -4.15 -18.91 0.78
CA PHE A 184 -3.72 -17.93 -0.22
C PHE A 184 -4.81 -17.68 -1.26
N SER A 185 -5.45 -18.74 -1.75
CA SER A 185 -6.46 -18.60 -2.79
C SER A 185 -7.71 -17.84 -2.36
N ARG A 186 -7.85 -17.44 -1.09
CA ARG A 186 -9.02 -16.65 -0.69
C ARG A 186 -8.77 -15.15 -0.76
N TYR A 187 -7.55 -14.71 -1.07
CA TYR A 187 -7.18 -13.32 -0.91
C TYR A 187 -6.73 -12.70 -2.21
N ALA A 188 -7.23 -11.49 -2.47
CA ALA A 188 -6.66 -10.67 -3.53
C ALA A 188 -5.24 -10.27 -3.14
N MET A 189 -4.41 -10.11 -4.16
CA MET A 189 -3.00 -9.78 -3.99
C MET A 189 -2.65 -8.64 -4.92
N SER A 190 -1.63 -7.86 -4.52
CA SER A 190 -1.20 -6.70 -5.31
C SER A 190 0.31 -6.57 -5.28
N TRP A 191 0.82 -5.78 -6.22
CA TRP A 191 2.18 -5.25 -6.19
C TRP A 191 2.08 -3.74 -6.01
N VAL A 192 2.86 -3.21 -5.07
CA VAL A 192 2.93 -1.77 -4.82
C VAL A 192 4.41 -1.44 -4.82
N ARG A 193 4.77 -0.33 -5.46
CA ARG A 193 6.18 0.03 -5.53
C ARG A 193 6.41 1.35 -4.82
N GLN A 194 7.65 1.56 -4.41
CA GLN A 194 8.02 2.79 -3.72
C GLN A 194 9.23 3.38 -4.41
N THR A 195 9.10 4.61 -4.92
CA THR A 195 10.14 5.29 -5.67
C THR A 195 11.24 5.74 -4.72
N PRO A 196 12.38 6.15 -5.26
CA PRO A 196 13.41 6.71 -4.36
C PRO A 196 12.94 7.93 -3.59
N GLU A 197 11.98 8.67 -4.14
CA GLU A 197 11.40 9.83 -3.45
C GLU A 197 10.40 9.42 -2.38
N LYS A 198 10.25 8.10 -2.16
CA LYS A 198 9.45 7.46 -1.11
C LYS A 198 7.96 7.52 -1.39
N ARG A 199 7.60 7.79 -2.64
CA ARG A 199 6.21 7.75 -3.06
C ARG A 199 5.77 6.30 -3.26
N LEU A 200 4.58 5.95 -2.77
CA LEU A 200 4.00 4.63 -2.96
C LEU A 200 3.05 4.66 -4.14
N GLU A 201 3.19 3.70 -5.05
CA GLU A 201 2.36 3.64 -6.25
CA GLU A 201 2.34 3.64 -6.23
C GLU A 201 1.90 2.20 -6.45
N TRP A 202 0.58 2.00 -6.52
CA TRP A 202 0.04 0.71 -6.87
C TRP A 202 0.38 0.39 -8.31
N VAL A 203 0.81 -0.84 -8.58
CA VAL A 203 1.13 -1.18 -9.97
C VAL A 203 0.38 -2.40 -10.50
N ALA A 204 -0.26 -3.22 -9.65
CA ALA A 204 -1.06 -4.34 -10.17
C ALA A 204 -1.88 -4.96 -9.05
N SER A 205 -3.06 -5.49 -9.40
CA SER A 205 -3.83 -6.31 -8.47
C SER A 205 -4.38 -7.52 -9.22
N ILE A 206 -4.60 -8.60 -8.47
CA ILE A 206 -5.20 -9.80 -9.03
C ILE A 206 -6.22 -10.33 -8.04
N SER A 207 -7.38 -10.74 -8.57
CA SER A 207 -8.41 -11.25 -7.70
C SER A 207 -7.98 -12.59 -7.11
N SER A 208 -8.72 -13.03 -6.08
CA SER A 208 -8.29 -14.20 -5.29
C SER A 208 -8.11 -15.44 -6.16
N GLY A 209 -9.04 -15.69 -7.07
CA GLY A 209 -8.98 -16.83 -7.96
C GLY A 209 -8.23 -16.58 -9.23
N GLY A 210 -7.64 -15.40 -9.38
CA GLY A 210 -6.81 -15.10 -10.54
C GLY A 210 -7.60 -14.83 -11.79
N SER A 211 -8.92 -14.65 -11.67
CA SER A 211 -9.69 -14.47 -12.89
C SER A 211 -9.61 -13.06 -13.43
N TYR A 212 -9.28 -12.08 -12.60
CA TYR A 212 -9.32 -10.68 -12.99
C TYR A 212 -8.02 -10.01 -12.56
N THR A 213 -7.45 -9.21 -13.47
CA THR A 213 -6.24 -8.43 -13.19
C THR A 213 -6.49 -6.96 -13.51
N PHE A 214 -5.73 -6.10 -12.83
CA PHE A 214 -5.98 -4.66 -12.83
C PHE A 214 -4.63 -3.95 -12.78
N TYR A 215 -4.49 -2.88 -13.55
CA TYR A 215 -3.24 -2.13 -13.67
C TYR A 215 -3.52 -0.66 -13.85
N PRO A 216 -2.65 0.20 -13.34
CA PRO A 216 -2.72 1.62 -13.68
C PRO A 216 -2.15 1.84 -15.08
N ASP A 217 -2.46 3.00 -15.64
CA ASP A 217 -1.97 3.30 -16.98
C ASP A 217 -0.44 3.30 -17.04
N SER A 218 0.23 3.61 -15.93
CA SER A 218 1.70 3.74 -15.99
C SER A 218 2.39 2.44 -16.40
N VAL A 219 1.75 1.28 -16.20
CA VAL A 219 2.42 0.01 -16.44
C VAL A 219 1.60 -0.93 -17.31
N LYS A 220 0.35 -0.55 -17.58
CA LYS A 220 -0.52 -1.40 -18.39
C LYS A 220 0.17 -1.71 -19.72
N GLY A 221 0.16 -2.98 -20.12
CA GLY A 221 0.81 -3.41 -21.34
C GLY A 221 2.26 -3.83 -21.17
N ARG A 222 2.90 -3.46 -20.07
CA ARG A 222 4.27 -3.84 -19.81
C ARG A 222 4.43 -4.77 -18.62
N PHE A 223 3.59 -4.62 -17.61
CA PHE A 223 3.65 -5.45 -16.40
C PHE A 223 2.52 -6.46 -16.40
N THR A 224 2.81 -7.68 -15.92
CA THR A 224 1.78 -8.70 -15.82
C THR A 224 1.85 -9.32 -14.44
N ILE A 225 0.72 -9.31 -13.73
CA ILE A 225 0.60 -9.96 -12.44
C ILE A 225 -0.04 -11.33 -12.64
N SER A 226 0.48 -12.34 -11.95
CA SER A 226 -0.14 -13.66 -12.02
C SER A 226 0.04 -14.36 -10.69
N ARG A 227 -0.65 -15.47 -10.52
CA ARG A 227 -0.57 -16.19 -9.26
C ARG A 227 -0.73 -17.68 -9.54
N ASN A 228 -0.18 -18.45 -8.61
CA ASN A 228 -0.32 -19.89 -8.58
C ASN A 228 -0.99 -20.24 -7.25
N ASN A 229 -2.22 -20.72 -7.33
CA ASN A 229 -3.01 -21.03 -6.14
C ASN A 229 -2.81 -22.45 -5.67
N ALA A 230 -2.06 -23.26 -6.41
CA ALA A 230 -1.74 -24.61 -5.99
C ALA A 230 -0.45 -24.65 -5.17
N LYS A 231 0.53 -23.82 -5.55
CA LYS A 231 1.81 -23.75 -4.86
C LYS A 231 1.97 -22.45 -4.06
N ASN A 232 1.00 -21.54 -4.13
CA ASN A 232 0.95 -20.32 -3.33
C ASN A 232 2.05 -19.33 -3.67
N PHE A 233 2.10 -18.90 -4.94
CA PHE A 233 3.04 -17.90 -5.38
C PHE A 233 2.31 -16.74 -6.05
N LEU A 234 2.90 -15.56 -5.93
CA LEU A 234 2.47 -14.39 -6.67
C LEU A 234 3.65 -13.94 -7.53
N TYR A 235 3.38 -13.53 -8.77
CA TYR A 235 4.44 -13.10 -9.67
C TYR A 235 4.14 -11.73 -10.24
N LEU A 236 5.21 -11.02 -10.59
CA LEU A 236 5.12 -9.83 -11.41
C LEU A 236 6.14 -9.93 -12.55
N LYS A 237 5.66 -9.95 -13.78
CA LYS A 237 6.54 -9.91 -14.95
C LYS A 237 6.62 -8.47 -15.42
N MET A 238 7.84 -7.96 -15.54
CA MET A 238 8.08 -6.56 -15.90
C MET A 238 8.85 -6.57 -17.21
N SER A 239 8.29 -5.93 -18.23
CA SER A 239 8.97 -5.87 -19.52
C SER A 239 9.00 -4.41 -19.99
N SER A 240 9.82 -4.14 -21.00
CA SER A 240 9.96 -2.78 -21.54
C SER A 240 10.25 -1.78 -20.42
N LEU A 241 11.21 -2.15 -19.55
CA LEU A 241 11.46 -1.38 -18.35
C LEU A 241 11.95 0.04 -18.67
N ARG A 242 11.48 1.00 -17.88
CA ARG A 242 11.81 2.41 -18.02
C ARG A 242 12.52 2.89 -16.77
N SER A 243 13.31 3.96 -16.92
CA SER A 243 14.01 4.51 -15.76
C SER A 243 13.05 4.81 -14.62
N GLU A 244 11.83 5.25 -14.93
CA GLU A 244 10.88 5.61 -13.90
C GLU A 244 10.23 4.40 -13.23
N ASP A 245 10.52 3.18 -13.69
CA ASP A 245 10.17 1.97 -12.95
C ASP A 245 11.16 1.67 -11.82
N THR A 246 12.24 2.43 -11.68
CA THR A 246 13.14 2.24 -10.55
C THR A 246 12.38 2.41 -9.24
N ALA A 247 12.39 1.38 -8.40
CA ALA A 247 11.57 1.43 -7.18
C ALA A 247 11.83 0.15 -6.38
N MET A 248 11.37 0.18 -5.12
CA MET A 248 11.24 -1.02 -4.30
CA MET A 248 11.26 -1.05 -4.34
C MET A 248 9.87 -1.63 -4.55
N TYR A 249 9.81 -2.91 -4.89
CA TYR A 249 8.55 -3.57 -5.22
C TYR A 249 8.13 -4.51 -4.09
N TYR A 250 6.89 -4.32 -3.63
CA TYR A 250 6.32 -5.10 -2.55
C TYR A 250 5.14 -5.91 -3.07
N CYS A 251 5.12 -7.20 -2.75
CA CYS A 251 3.90 -8.01 -2.89
C CYS A 251 3.07 -7.83 -1.63
N ALA A 252 1.74 -7.76 -1.77
CA ALA A 252 0.93 -7.41 -0.61
C ALA A 252 -0.48 -7.97 -0.71
N ARG A 253 -0.99 -8.40 0.44
CA ARG A 253 -2.30 -9.04 0.55
C ARG A 253 -3.36 -8.00 0.88
N SER A 254 -4.55 -8.16 0.28
CA SER A 254 -5.73 -7.39 0.68
C SER A 254 -6.45 -8.16 1.76
N GLY A 255 -6.67 -7.50 2.89
CA GLY A 255 -7.36 -8.08 4.03
C GLY A 255 -8.75 -7.53 4.19
N ASN A 256 -9.13 -7.15 5.43
CA ASN A 256 -10.46 -6.62 5.70
C ASN A 256 -10.71 -5.30 4.97
N ASP A 257 -11.90 -5.17 4.37
CA ASP A 257 -12.35 -3.88 3.84
C ASP A 257 -11.34 -3.25 2.90
N TYR A 258 -10.63 -4.06 2.12
CA TYR A 258 -9.68 -3.64 1.08
C TYR A 258 -8.45 -2.91 1.61
N ALA A 259 -8.17 -3.06 2.90
CA ALA A 259 -6.88 -2.65 3.41
C ALA A 259 -5.79 -3.62 2.94
N VAL A 260 -4.55 -3.14 2.89
CA VAL A 260 -3.43 -3.98 2.49
C VAL A 260 -2.78 -4.46 3.78
N ASP A 261 -3.18 -5.65 4.25
CA ASP A 261 -2.87 -5.97 5.65
C ASP A 261 -1.58 -6.75 5.87
N TYR A 262 -0.96 -7.25 4.81
CA TYR A 262 0.35 -7.86 4.96
C TYR A 262 1.19 -7.51 3.73
N TRP A 263 2.37 -6.95 3.98
CA TRP A 263 3.29 -6.57 2.92
C TRP A 263 4.54 -7.44 3.00
N GLY A 264 4.90 -8.08 1.88
CA GLY A 264 6.15 -8.79 1.84
C GLY A 264 7.34 -7.83 1.80
N GLN A 265 8.49 -8.33 2.21
CA GLN A 265 9.69 -7.52 2.08
C GLN A 265 9.91 -7.13 0.63
N GLY A 266 10.48 -5.94 0.44
CA GLY A 266 10.61 -5.37 -0.88
C GLY A 266 11.76 -5.97 -1.66
N THR A 267 11.65 -5.88 -2.98
CA THR A 267 12.74 -6.16 -3.90
C THR A 267 13.00 -4.89 -4.70
N SER A 268 14.19 -4.33 -4.57
CA SER A 268 14.53 -3.10 -5.26
C SER A 268 14.94 -3.42 -6.68
N VAL A 269 14.53 -2.56 -7.62
CA VAL A 269 14.89 -2.65 -9.03
C VAL A 269 15.41 -1.30 -9.47
N THR A 270 16.59 -1.26 -10.07
CA THR A 270 17.17 -0.03 -10.58
C THR A 270 17.30 -0.17 -12.10
N VAL A 271 16.55 0.64 -12.84
CA VAL A 271 16.60 0.65 -14.30
C VAL A 271 17.46 1.82 -14.73
N SER A 272 18.62 1.52 -15.29
CA SER A 272 19.56 2.56 -15.66
C SER A 272 20.47 2.02 -16.74
N SER A 273 20.92 2.91 -17.61
CA SER A 273 21.90 2.57 -18.61
C SER A 273 23.29 2.56 -17.96
#